data_7VG5
#
_entry.id   7VG5
#
_cell.length_a   126.322
_cell.length_b   49.513
_cell.length_c   64.071
_cell.angle_alpha   90.000
_cell.angle_beta   97.380
_cell.angle_gamma   90.000
#
_symmetry.space_group_name_H-M   'C 1 2 1'
#
loop_
_entity.id
_entity.type
_entity.pdbx_description
1 polymer 'Methenyltetrahydrofolate cyclohydrolase'
2 non-polymer (6S)-5,6,7,8-TETRAHYDROFOLATE
3 water water
#
_entity_poly.entity_id   1
_entity_poly.type   'polypeptide(L)'
_entity_poly.pdbx_seq_one_letter_code
;MAGNETIETFLDGLASSAPTPGGGGAAAISGAMGAALVSMVCNLTIGKKKYVEVEADLKQVLEKSEGLRRTLTGMIADDV
EAFDAVMGAYGLPKNTDEEKAARAAKIQEALKTATDVPLACCRVCREVIDLAEIVAEKGNLNVISDAGVAVLSAYAGLRS
AALNVYVNAKGLDDRAFAEERLKELEGLLAEAGALNERIYETVKSKVNLEHHHHHH
;
_entity_poly.pdbx_strand_id   A,B
#
# COMPACT_ATOMS: atom_id res chain seq x y z
N GLU A 5 14.03 -4.70 10.21
CA GLU A 5 12.79 -5.17 10.93
C GLU A 5 12.04 -6.13 10.01
N THR A 6 11.52 -7.24 10.57
CA THR A 6 10.72 -8.27 9.86
C THR A 6 9.37 -7.67 9.46
N ILE A 7 8.80 -8.15 8.34
CA ILE A 7 7.46 -7.69 7.84
C ILE A 7 6.44 -8.02 8.93
N GLU A 8 6.50 -9.23 9.49
CA GLU A 8 5.60 -9.71 10.57
C GLU A 8 5.79 -8.85 11.83
N THR A 9 7.02 -8.52 12.22
CA THR A 9 7.28 -7.70 13.44
C THR A 9 6.75 -6.27 13.25
N PHE A 10 7.13 -5.65 12.14
CA PHE A 10 6.59 -4.35 11.70
C PHE A 10 5.08 -4.37 11.80
N LEU A 11 4.44 -5.40 11.24
CA LEU A 11 2.95 -5.50 11.22
C LEU A 11 2.40 -5.60 12.65
N ASP A 12 3.09 -6.33 13.54
CA ASP A 12 2.72 -6.47 14.98
C ASP A 12 2.85 -5.10 15.67
N GLY A 13 3.96 -4.39 15.46
CA GLY A 13 4.15 -2.99 15.92
C GLY A 13 3.02 -2.09 15.44
N LEU A 14 2.72 -2.08 14.13
CA LEU A 14 1.69 -1.23 13.47
C LEU A 14 0.33 -1.46 14.16
N ALA A 15 -0.02 -2.73 14.41
CA ALA A 15 -1.36 -3.18 14.90
C ALA A 15 -1.56 -2.79 16.38
N SER A 16 -0.46 -2.66 17.12
CA SER A 16 -0.42 -2.46 18.58
C SER A 16 -0.88 -1.04 18.96
N SER A 17 -0.97 -0.79 20.26
CA SER A 17 -1.26 0.53 20.88
C SER A 17 0.03 1.37 20.98
N ALA A 18 1.17 0.87 20.48
CA ALA A 18 2.40 1.68 20.32
C ALA A 18 2.12 2.77 19.29
N PRO A 19 2.42 4.05 19.61
CA PRO A 19 2.11 5.17 18.73
C PRO A 19 2.94 5.12 17.43
N THR A 20 4.04 4.36 17.45
CA THR A 20 4.89 4.01 16.28
C THR A 20 5.15 2.51 16.28
N PRO A 21 5.32 1.87 15.10
CA PRO A 21 5.00 2.51 13.81
C PRO A 21 3.51 2.84 13.65
N GLY A 22 3.21 3.83 12.79
CA GLY A 22 1.84 4.28 12.50
C GLY A 22 1.62 4.47 11.00
N GLY A 23 0.55 5.18 10.65
CA GLY A 23 0.14 5.42 9.25
C GLY A 23 1.26 6.02 8.43
N GLY A 24 2.03 6.95 9.00
CA GLY A 24 3.22 7.54 8.33
C GLY A 24 4.19 6.47 7.85
N GLY A 25 4.48 5.46 8.68
CA GLY A 25 5.39 4.35 8.33
C GLY A 25 4.83 3.53 7.18
N ALA A 26 3.57 3.13 7.28
CA ALA A 26 2.84 2.35 6.24
C ALA A 26 2.85 3.13 4.92
N ALA A 27 2.76 4.47 4.97
CA ALA A 27 2.72 5.35 3.77
C ALA A 27 4.03 5.19 3.00
N ALA A 28 5.14 5.19 3.74
CA ALA A 28 6.50 5.16 3.17
C ALA A 28 6.71 3.79 2.54
N ILE A 29 6.15 2.76 3.18
CA ILE A 29 6.25 1.37 2.70
C ILE A 29 5.47 1.28 1.39
N SER A 30 4.23 1.80 1.33
CA SER A 30 3.42 1.83 0.08
C SER A 30 4.23 2.47 -1.04
N GLY A 31 4.87 3.59 -0.74
CA GLY A 31 5.71 4.31 -1.71
C GLY A 31 6.86 3.45 -2.19
N ALA A 32 7.60 2.85 -1.24
CA ALA A 32 8.81 2.05 -1.51
C ALA A 32 8.46 0.88 -2.44
N MET A 33 7.33 0.21 -2.19
CA MET A 33 6.85 -0.93 -3.02
C MET A 33 6.53 -0.41 -4.42
N GLY A 34 5.94 0.78 -4.52
CA GLY A 34 5.68 1.40 -5.84
C GLY A 34 6.96 1.62 -6.62
N ALA A 35 7.96 2.23 -5.98
CA ALA A 35 9.31 2.45 -6.53
C ALA A 35 9.91 1.10 -6.97
N ALA A 36 9.84 0.08 -6.12
CA ALA A 36 10.41 -1.26 -6.39
C ALA A 36 9.78 -1.85 -7.65
N LEU A 37 8.45 -1.83 -7.76
CA LEU A 37 7.72 -2.45 -8.91
C LEU A 37 8.05 -1.72 -10.23
N VAL A 38 8.23 -0.40 -10.21
CA VAL A 38 8.74 0.36 -11.40
C VAL A 38 10.11 -0.22 -11.82
N SER A 39 10.99 -0.48 -10.85
CA SER A 39 12.35 -1.02 -11.05
C SER A 39 12.25 -2.43 -11.65
N MET A 40 11.34 -3.25 -11.12
CA MET A 40 11.06 -4.60 -11.63
C MET A 40 10.67 -4.56 -13.12
N VAL A 41 9.74 -3.69 -13.50
CA VAL A 41 9.27 -3.60 -14.92
C VAL A 41 10.45 -3.24 -15.81
N CYS A 42 11.28 -2.27 -15.37
CA CYS A 42 12.52 -1.86 -16.09
C CYS A 42 13.47 -3.06 -16.24
N ASN A 43 13.82 -3.70 -15.13
CA ASN A 43 14.72 -4.88 -15.11
C ASN A 43 14.22 -6.00 -16.00
N LEU A 44 12.90 -6.10 -16.25
CA LEU A 44 12.29 -7.21 -17.03
C LEU A 44 11.92 -6.74 -18.44
N THR A 45 12.33 -5.53 -18.83
CA THR A 45 12.13 -4.95 -20.18
C THR A 45 13.49 -4.69 -20.84
N ILE A 46 14.46 -4.22 -20.07
CA ILE A 46 15.89 -4.02 -20.49
C ILE A 46 16.46 -5.39 -20.91
N GLY A 47 17.05 -5.47 -22.10
CA GLY A 47 17.56 -6.71 -22.71
C GLY A 47 16.63 -7.25 -23.77
N LYS A 48 15.34 -7.38 -23.46
CA LYS A 48 14.30 -7.95 -24.38
C LYS A 48 14.46 -7.29 -25.76
N LYS A 49 14.50 -8.13 -26.81
CA LYS A 49 14.78 -7.71 -28.23
C LYS A 49 13.64 -6.85 -28.76
N LYS A 50 12.39 -7.14 -28.38
CA LYS A 50 11.17 -6.43 -28.88
C LYS A 50 11.11 -4.99 -28.34
N TYR A 51 11.94 -4.65 -27.33
CA TYR A 51 11.81 -3.43 -26.49
C TYR A 51 13.09 -2.59 -26.58
N VAL A 52 13.83 -2.70 -27.69
CA VAL A 52 15.14 -2.00 -27.88
C VAL A 52 14.90 -0.49 -28.00
N GLU A 53 13.84 -0.06 -28.65
CA GLU A 53 13.52 1.38 -28.84
C GLU A 53 13.43 2.12 -27.49
N VAL A 54 13.05 1.44 -26.39
CA VAL A 54 12.77 2.10 -25.08
C VAL A 54 13.89 1.79 -24.06
N GLU A 55 14.81 0.89 -24.40
CA GLU A 55 15.86 0.40 -23.47
C GLU A 55 16.56 1.57 -22.75
N ALA A 56 17.02 2.58 -23.48
CA ALA A 56 17.80 3.72 -22.92
C ALA A 56 16.93 4.55 -21.97
N ASP A 57 15.73 4.92 -22.41
CA ASP A 57 14.70 5.61 -21.56
C ASP A 57 14.47 4.80 -20.27
N LEU A 58 14.36 3.47 -20.35
CA LEU A 58 13.99 2.64 -19.18
C LEU A 58 15.23 2.43 -18.29
N LYS A 59 16.44 2.56 -18.81
CA LYS A 59 17.69 2.49 -18.00
C LYS A 59 17.75 3.75 -17.12
N GLN A 60 17.28 4.88 -17.64
CA GLN A 60 17.21 6.17 -16.93
C GLN A 60 16.17 6.04 -15.81
N VAL A 61 14.94 5.67 -16.18
CA VAL A 61 13.81 5.37 -15.25
C VAL A 61 14.34 4.46 -14.14
N LEU A 62 14.98 3.34 -14.46
CA LEU A 62 15.49 2.41 -13.43
C LEU A 62 16.42 3.17 -12.47
N GLU A 63 17.27 4.04 -13.00
CA GLU A 63 18.23 4.86 -12.21
C GLU A 63 17.43 5.64 -11.14
N LYS A 64 16.45 6.46 -11.55
CA LYS A 64 15.66 7.33 -10.64
C LYS A 64 14.84 6.47 -9.66
N SER A 65 14.17 5.40 -10.13
CA SER A 65 13.25 4.57 -9.31
C SER A 65 14.03 3.91 -8.19
N GLU A 66 15.25 3.45 -8.50
CA GLU A 66 16.15 2.82 -7.51
C GLU A 66 16.54 3.90 -6.48
N GLY A 67 16.77 5.13 -6.94
CA GLY A 67 16.98 6.30 -6.07
C GLY A 67 15.80 6.54 -5.15
N LEU A 68 14.60 6.65 -5.75
CA LEU A 68 13.32 6.86 -5.01
C LEU A 68 13.10 5.74 -3.99
N ARG A 69 13.43 4.49 -4.32
CA ARG A 69 13.20 3.33 -3.42
C ARG A 69 14.06 3.43 -2.16
N ARG A 70 15.33 3.81 -2.31
CA ARG A 70 16.29 4.01 -1.21
C ARG A 70 15.74 5.12 -0.29
N THR A 71 15.36 6.26 -0.86
CA THR A 71 14.82 7.44 -0.12
C THR A 71 13.60 7.02 0.70
N LEU A 72 12.62 6.39 0.03
CA LEU A 72 11.31 6.04 0.63
C LEU A 72 11.54 5.01 1.73
N THR A 73 12.45 4.05 1.52
CA THR A 73 12.81 3.05 2.55
C THR A 73 13.40 3.76 3.77
N GLY A 74 14.27 4.75 3.56
CA GLY A 74 14.79 5.56 4.68
C GLY A 74 13.65 6.24 5.42
N MET A 75 12.65 6.72 4.67
CA MET A 75 11.55 7.54 5.22
C MET A 75 10.70 6.73 6.20
N ILE A 76 10.68 5.41 6.12
CA ILE A 76 9.98 4.59 7.15
C ILE A 76 10.51 5.01 8.53
N ALA A 77 11.84 5.02 8.70
CA ALA A 77 12.50 5.28 10.00
C ALA A 77 12.33 6.76 10.35
N ASP A 78 12.44 7.65 9.36
CA ASP A 78 12.30 9.11 9.57
C ASP A 78 10.95 9.40 10.24
N ASP A 79 9.87 8.77 9.75
CA ASP A 79 8.49 9.09 10.19
C ASP A 79 8.31 8.54 11.60
N VAL A 80 8.77 7.31 11.82
CA VAL A 80 8.80 6.68 13.17
C VAL A 80 9.50 7.62 14.17
N GLU A 81 10.69 8.11 13.88
CA GLU A 81 11.46 8.95 14.85
C GLU A 81 10.79 10.33 14.95
N ALA A 82 10.28 10.88 13.84
CA ALA A 82 9.52 12.15 13.86
C ALA A 82 8.32 12.03 14.80
N PHE A 83 7.53 10.96 14.69
CA PHE A 83 6.30 10.82 15.50
C PHE A 83 6.61 10.41 16.96
N ASP A 84 7.70 9.68 17.20
CA ASP A 84 8.21 9.41 18.58
C ASP A 84 8.55 10.73 19.27
N ALA A 85 9.20 11.66 18.56
CA ALA A 85 9.61 12.98 19.09
C ALA A 85 8.36 13.77 19.49
N VAL A 86 7.26 13.63 18.74
CA VAL A 86 5.99 14.34 19.05
C VAL A 86 5.43 13.78 20.37
N MET A 87 5.31 12.46 20.46
CA MET A 87 4.81 11.78 21.69
C MET A 87 5.74 12.12 22.87
N GLY A 88 7.07 12.05 22.67
CA GLY A 88 8.09 12.50 23.63
C GLY A 88 7.75 13.87 24.18
N ALA A 89 7.53 14.86 23.30
CA ALA A 89 7.31 16.28 23.67
C ALA A 89 5.99 16.44 24.43
N TYR A 90 4.92 15.73 24.07
CA TYR A 90 3.62 15.75 24.82
C TYR A 90 3.86 15.22 26.24
N GLY A 91 4.84 14.33 26.42
CA GLY A 91 5.15 13.67 27.71
C GLY A 91 6.06 14.47 28.62
N LEU A 92 6.67 15.56 28.15
CA LEU A 92 7.48 16.46 29.02
C LEU A 92 6.59 16.99 30.13
N PRO A 93 7.12 17.34 31.32
CA PRO A 93 6.29 17.83 32.42
C PRO A 93 5.84 19.29 32.18
N LYS A 94 4.79 19.73 32.87
CA LYS A 94 4.20 21.08 32.70
C LYS A 94 3.83 21.70 34.06
N ASN A 95 4.70 21.58 35.07
CA ASN A 95 4.43 22.08 36.45
C ASN A 95 4.55 23.61 36.49
N THR A 96 5.67 24.17 36.03
CA THR A 96 5.97 25.63 36.05
C THR A 96 5.73 26.29 34.69
N ASP A 97 5.59 27.63 34.72
CA ASP A 97 5.56 28.55 33.55
C ASP A 97 6.67 28.18 32.56
N GLU A 98 7.91 28.06 33.06
CA GLU A 98 9.11 27.84 32.21
C GLU A 98 8.97 26.46 31.57
N GLU A 99 8.54 25.43 32.31
CA GLU A 99 8.34 24.05 31.81
C GLU A 99 7.20 24.04 30.79
N LYS A 100 6.07 24.67 31.09
CA LYS A 100 4.91 24.79 30.17
C LYS A 100 5.43 25.40 28.86
N ALA A 101 6.32 26.40 28.91
CA ALA A 101 6.84 27.12 27.72
C ALA A 101 7.76 26.20 26.92
N ALA A 102 8.65 25.47 27.60
CA ALA A 102 9.60 24.50 26.98
C ALA A 102 8.80 23.39 26.28
N ARG A 103 7.82 22.83 26.98
CA ARG A 103 6.95 21.76 26.46
C ARG A 103 6.25 22.27 25.17
N ALA A 104 5.59 23.42 25.22
CA ALA A 104 4.79 23.95 24.09
C ALA A 104 5.70 24.13 22.88
N ALA A 105 6.89 24.72 23.09
CA ALA A 105 7.87 25.04 22.03
C ALA A 105 8.38 23.73 21.41
N LYS A 106 8.63 22.70 22.22
CA LYS A 106 9.21 21.42 21.76
C LYS A 106 8.11 20.65 21.02
N ILE A 107 6.87 20.69 21.52
CA ILE A 107 5.69 20.12 20.78
C ILE A 107 5.64 20.76 19.39
N GLN A 108 5.72 22.09 19.30
CA GLN A 108 5.60 22.82 18.01
C GLN A 108 6.68 22.38 17.03
N GLU A 109 7.91 22.19 17.52
CA GLU A 109 9.05 21.88 16.62
C GLU A 109 8.98 20.40 16.20
N ALA A 110 8.51 19.51 17.08
CA ALA A 110 8.21 18.10 16.72
C ALA A 110 7.08 18.08 15.67
N LEU A 111 6.00 18.82 15.89
CA LEU A 111 4.88 18.87 14.92
C LEU A 111 5.40 19.29 13.54
N LYS A 112 6.26 20.31 13.51
CA LYS A 112 6.84 20.83 12.25
C LYS A 112 7.59 19.70 11.51
N THR A 113 8.43 18.95 12.23
CA THR A 113 9.21 17.81 11.69
C THR A 113 8.23 16.76 11.18
N ALA A 114 7.19 16.44 11.97
CA ALA A 114 6.21 15.38 11.64
C ALA A 114 5.26 15.83 10.52
N THR A 115 5.33 17.09 10.08
CA THR A 115 4.65 17.61 8.87
C THR A 115 5.59 17.53 7.66
N ASP A 116 6.86 17.94 7.81
CA ASP A 116 7.81 17.97 6.68
C ASP A 116 8.06 16.54 6.22
N VAL A 117 8.15 15.59 7.15
CA VAL A 117 8.51 14.20 6.80
C VAL A 117 7.44 13.56 5.92
N PRO A 118 6.16 13.46 6.34
CA PRO A 118 5.14 12.93 5.44
C PRO A 118 5.08 13.76 4.15
N LEU A 119 5.27 15.08 4.21
CA LEU A 119 5.22 15.91 2.98
C LEU A 119 6.34 15.49 2.03
N ALA A 120 7.54 15.18 2.54
CA ALA A 120 8.66 14.71 1.71
C ALA A 120 8.26 13.38 1.06
N CYS A 121 7.70 12.48 1.84
CA CYS A 121 7.15 11.19 1.35
C CYS A 121 6.11 11.43 0.24
N CYS A 122 5.21 12.39 0.41
CA CYS A 122 4.25 12.78 -0.67
C CYS A 122 4.99 13.12 -1.96
N ARG A 123 6.04 13.98 -1.91
CA ARG A 123 6.81 14.46 -3.09
C ARG A 123 7.40 13.27 -3.83
N VAL A 124 8.00 12.33 -3.09
CA VAL A 124 8.71 11.18 -3.70
C VAL A 124 7.68 10.23 -4.31
N CYS A 125 6.55 9.97 -3.64
CA CYS A 125 5.42 9.15 -4.17
C CYS A 125 4.88 9.77 -5.47
N ARG A 126 4.71 11.09 -5.50
CA ARG A 126 4.29 11.82 -6.74
C ARG A 126 5.29 11.52 -7.86
N GLU A 127 6.60 11.52 -7.59
CA GLU A 127 7.60 11.22 -8.65
C GLU A 127 7.45 9.76 -9.09
N VAL A 128 7.23 8.83 -8.16
CA VAL A 128 6.99 7.37 -8.47
C VAL A 128 5.80 7.25 -9.44
N ILE A 129 4.73 7.99 -9.22
CA ILE A 129 3.56 7.99 -10.14
C ILE A 129 4.05 8.36 -11.55
N ASP A 130 4.93 9.37 -11.69
CA ASP A 130 5.49 9.77 -13.02
C ASP A 130 6.25 8.58 -13.65
N LEU A 131 7.08 7.86 -12.89
CA LEU A 131 7.83 6.70 -13.45
C LEU A 131 6.86 5.55 -13.78
N ALA A 132 5.86 5.29 -12.90
CA ALA A 132 4.81 4.26 -13.09
C ALA A 132 4.16 4.51 -14.44
N GLU A 133 3.89 5.77 -14.75
CA GLU A 133 3.28 6.16 -16.04
C GLU A 133 4.17 5.66 -17.18
N ILE A 134 5.48 5.97 -17.15
CA ILE A 134 6.40 5.70 -18.29
C ILE A 134 6.44 4.18 -18.52
N VAL A 135 6.62 3.39 -17.45
CA VAL A 135 6.72 1.91 -17.55
C VAL A 135 5.35 1.30 -17.89
N ALA A 136 4.25 1.99 -17.60
CA ALA A 136 2.91 1.58 -18.07
C ALA A 136 2.84 1.75 -19.60
N GLU A 137 3.49 2.76 -20.17
CA GLU A 137 3.47 3.05 -21.63
C GLU A 137 4.46 2.11 -22.33
N LYS A 138 5.66 1.90 -21.75
CA LYS A 138 6.83 1.36 -22.48
C LYS A 138 7.22 -0.04 -22.01
N GLY A 139 6.65 -0.52 -20.90
CA GLY A 139 7.14 -1.74 -20.22
C GLY A 139 6.83 -3.00 -21.00
N ASN A 140 7.61 -4.06 -20.73
CA ASN A 140 7.31 -5.43 -21.21
C ASN A 140 5.87 -5.79 -20.88
N LEU A 141 5.07 -6.11 -21.90
CA LEU A 141 3.62 -6.38 -21.80
C LEU A 141 3.34 -7.61 -20.93
N ASN A 142 4.28 -8.56 -20.84
CA ASN A 142 4.12 -9.78 -20.00
C ASN A 142 4.09 -9.43 -18.50
N VAL A 143 4.64 -8.30 -18.13
CA VAL A 143 4.80 -7.91 -16.70
C VAL A 143 4.08 -6.57 -16.46
N ILE A 144 3.21 -6.15 -17.39
CA ILE A 144 2.61 -4.78 -17.38
C ILE A 144 1.75 -4.60 -16.11
N SER A 145 1.14 -5.66 -15.59
CA SER A 145 0.34 -5.63 -14.34
C SER A 145 1.14 -4.97 -13.21
N ASP A 146 2.46 -5.17 -13.16
CA ASP A 146 3.32 -4.59 -12.09
C ASP A 146 3.38 -3.05 -12.18
N ALA A 147 3.26 -2.46 -13.38
CA ALA A 147 3.14 -1.00 -13.54
C ALA A 147 1.86 -0.50 -12.87
N GLY A 148 0.77 -1.26 -12.92
CA GLY A 148 -0.51 -0.96 -12.29
C GLY A 148 -0.43 -1.07 -10.77
N VAL A 149 0.19 -2.11 -10.24
CA VAL A 149 0.41 -2.22 -8.78
C VAL A 149 1.30 -1.05 -8.30
N ALA A 150 2.35 -0.68 -9.05
CA ALA A 150 3.27 0.43 -8.70
C ALA A 150 2.49 1.73 -8.48
N VAL A 151 1.64 2.12 -9.43
CA VAL A 151 0.94 3.43 -9.34
C VAL A 151 -0.03 3.36 -8.17
N LEU A 152 -0.75 2.25 -7.98
CA LEU A 152 -1.73 2.16 -6.87
C LEU A 152 -1.00 2.27 -5.53
N SER A 153 0.13 1.54 -5.35
CA SER A 153 0.91 1.57 -4.07
C SER A 153 1.42 2.98 -3.83
N ALA A 154 1.95 3.65 -4.86
CA ALA A 154 2.48 5.02 -4.79
C ALA A 154 1.36 6.02 -4.42
N TYR A 155 0.18 5.90 -5.03
CA TYR A 155 -0.97 6.81 -4.77
C TYR A 155 -1.49 6.56 -3.35
N ALA A 156 -1.59 5.31 -2.94
CA ALA A 156 -1.91 4.96 -1.54
C ALA A 156 -0.91 5.68 -0.63
N GLY A 157 0.39 5.54 -0.93
CA GLY A 157 1.46 6.17 -0.14
C GLY A 157 1.26 7.67 -0.03
N LEU A 158 0.93 8.32 -1.14
CA LEU A 158 0.79 9.79 -1.26
C LEU A 158 -0.36 10.27 -0.40
N ARG A 159 -1.54 9.65 -0.51
CA ARG A 159 -2.73 10.11 0.23
C ARG A 159 -2.65 9.65 1.70
N SER A 160 -1.96 8.55 1.98
CA SER A 160 -1.68 8.14 3.38
C SER A 160 -0.82 9.21 4.06
N ALA A 161 0.28 9.65 3.45
CA ALA A 161 1.19 10.66 4.02
C ALA A 161 0.46 12.00 4.14
N ALA A 162 -0.40 12.31 3.18
CA ALA A 162 -1.20 13.56 3.12
C ALA A 162 -2.02 13.73 4.38
N LEU A 163 -2.71 12.68 4.85
CA LEU A 163 -3.52 12.73 6.09
C LEU A 163 -2.62 13.11 7.27
N ASN A 164 -1.40 12.56 7.31
CA ASN A 164 -0.40 12.88 8.37
C ASN A 164 -0.02 14.36 8.29
N VAL A 165 0.21 14.90 7.10
CA VAL A 165 0.46 16.36 6.91
C VAL A 165 -0.75 17.13 7.44
N TYR A 166 -1.99 16.76 7.10
CA TYR A 166 -3.19 17.52 7.54
C TYR A 166 -3.29 17.53 9.07
N VAL A 167 -3.17 16.35 9.66
CA VAL A 167 -3.43 16.25 11.11
C VAL A 167 -2.31 17.00 11.87
N ASN A 168 -1.06 16.97 11.39
CA ASN A 168 0.07 17.68 12.05
C ASN A 168 -0.02 19.19 11.79
N ALA A 169 -0.25 19.65 10.55
CA ALA A 169 -0.35 21.08 10.18
C ALA A 169 -1.41 21.78 11.03
N LYS A 170 -2.48 21.10 11.39
CA LYS A 170 -3.62 21.73 12.13
C LYS A 170 -3.15 22.19 13.53
N GLY A 171 -2.14 21.54 14.14
CA GLY A 171 -1.71 21.87 15.51
C GLY A 171 -0.63 22.96 15.58
N LEU A 172 -0.23 23.55 14.46
CA LEU A 172 0.95 24.46 14.39
C LEU A 172 0.52 25.89 14.67
N ASP A 173 1.32 26.61 15.48
CA ASP A 173 1.17 28.06 15.77
C ASP A 173 1.61 28.90 14.56
N ASP A 174 2.67 28.45 13.89
CA ASP A 174 3.25 29.11 12.69
C ASP A 174 2.34 28.81 11.50
N ARG A 175 1.38 29.69 11.24
CA ARG A 175 0.35 29.52 10.18
C ARG A 175 0.97 29.75 8.80
N ALA A 176 2.02 30.55 8.66
CA ALA A 176 2.76 30.73 7.39
C ALA A 176 3.41 29.41 6.97
N PHE A 177 4.15 28.75 7.90
CA PHE A 177 4.75 27.40 7.67
C PHE A 177 3.64 26.42 7.27
N ALA A 178 2.58 26.33 8.07
CA ALA A 178 1.46 25.38 7.83
C ALA A 178 0.86 25.63 6.44
N GLU A 179 0.47 26.89 6.15
CA GLU A 179 -0.29 27.24 4.92
C GLU A 179 0.61 27.00 3.70
N GLU A 180 1.93 27.18 3.81
CA GLU A 180 2.87 26.89 2.69
C GLU A 180 2.86 25.38 2.42
N ARG A 181 2.89 24.57 3.48
CA ARG A 181 3.00 23.09 3.35
C ARG A 181 1.67 22.57 2.79
N LEU A 182 0.53 23.08 3.28
CA LEU A 182 -0.79 22.63 2.77
C LEU A 182 -0.93 22.97 1.28
N LYS A 183 -0.47 24.14 0.82
CA LYS A 183 -0.66 24.56 -0.60
C LYS A 183 0.11 23.62 -1.52
N GLU A 184 1.35 23.29 -1.15
CA GLU A 184 2.18 22.31 -1.88
C GLU A 184 1.41 20.99 -1.89
N LEU A 185 0.94 20.53 -0.74
CA LEU A 185 0.26 19.22 -0.57
C LEU A 185 -0.91 19.15 -1.54
N GLU A 186 -1.75 20.19 -1.58
CA GLU A 186 -2.98 20.22 -2.43
C GLU A 186 -2.62 19.97 -3.88
N GLY A 187 -1.53 20.58 -4.35
CA GLY A 187 -1.12 20.49 -5.75
C GLY A 187 -0.65 19.10 -6.07
N LEU A 188 0.13 18.49 -5.15
CA LEU A 188 0.58 17.07 -5.27
C LEU A 188 -0.66 16.16 -5.33
N LEU A 189 -1.67 16.37 -4.48
CA LEU A 189 -2.92 15.55 -4.43
C LEU A 189 -3.70 15.73 -5.73
N ALA A 190 -3.90 16.97 -6.19
CA ALA A 190 -4.71 17.22 -7.41
C ALA A 190 -4.05 16.56 -8.63
N GLU A 191 -2.72 16.70 -8.82
CA GLU A 191 -1.98 16.08 -9.93
C GLU A 191 -2.16 14.55 -9.86
N ALA A 192 -1.89 13.93 -8.71
CA ALA A 192 -1.86 12.47 -8.51
C ALA A 192 -3.25 11.87 -8.72
N GLY A 193 -4.29 12.58 -8.28
CA GLY A 193 -5.69 12.18 -8.49
C GLY A 193 -6.03 12.06 -9.98
N ALA A 194 -5.55 12.98 -10.80
CA ALA A 194 -5.75 13.01 -12.26
C ALA A 194 -5.01 11.85 -12.93
N LEU A 195 -3.81 11.51 -12.46
CA LEU A 195 -2.95 10.56 -13.21
C LEU A 195 -3.24 9.12 -12.78
N ASN A 196 -3.53 8.90 -11.50
CA ASN A 196 -3.57 7.54 -10.89
C ASN A 196 -4.54 6.68 -11.68
N GLU A 197 -5.79 7.16 -11.81
CA GLU A 197 -6.91 6.43 -12.45
C GLU A 197 -6.56 6.16 -13.92
N ARG A 198 -5.94 7.12 -14.60
CA ARG A 198 -5.59 7.00 -16.04
C ARG A 198 -4.50 5.93 -16.21
N ILE A 199 -3.49 5.93 -15.37
CA ILE A 199 -2.39 4.93 -15.48
C ILE A 199 -2.98 3.54 -15.19
N TYR A 200 -3.74 3.37 -14.10
CA TYR A 200 -4.46 2.11 -13.78
C TYR A 200 -5.20 1.61 -15.04
N GLU A 201 -5.96 2.49 -15.69
CA GLU A 201 -6.82 2.17 -16.87
C GLU A 201 -5.98 1.69 -18.06
N THR A 202 -4.86 2.35 -18.35
CA THR A 202 -3.88 1.92 -19.38
C THR A 202 -3.41 0.49 -19.12
N VAL A 203 -3.05 0.19 -17.87
CA VAL A 203 -2.57 -1.15 -17.46
C VAL A 203 -3.76 -2.13 -17.55
N LYS A 204 -4.88 -1.77 -16.94
CA LYS A 204 -6.09 -2.64 -16.94
C LYS A 204 -6.38 -3.03 -18.39
N SER A 205 -6.28 -2.05 -19.31
CA SER A 205 -6.59 -2.23 -20.75
C SER A 205 -5.59 -3.20 -21.40
N LYS A 206 -4.30 -3.00 -21.21
CA LYS A 206 -3.23 -3.86 -21.77
C LYS A 206 -3.31 -5.25 -21.16
N VAL A 207 -3.66 -5.36 -19.89
CA VAL A 207 -3.83 -6.67 -19.19
C VAL A 207 -4.94 -7.48 -19.89
N ASN A 208 -5.98 -6.83 -20.41
CA ASN A 208 -7.15 -7.47 -21.07
C ASN A 208 -7.11 -7.15 -22.57
N GLU B 5 11.38 -12.57 7.03
CA GLU B 5 12.05 -11.76 5.97
C GLU B 5 11.89 -10.27 6.29
N THR B 6 12.96 -9.50 6.12
CA THR B 6 13.09 -8.05 6.41
C THR B 6 12.39 -7.24 5.31
N ILE B 7 11.84 -6.08 5.69
CA ILE B 7 11.19 -5.12 4.75
C ILE B 7 12.18 -4.83 3.61
N GLU B 8 13.45 -4.57 3.95
CA GLU B 8 14.53 -4.24 2.98
C GLU B 8 14.83 -5.45 2.08
N THR B 9 14.83 -6.67 2.59
CA THR B 9 15.11 -7.86 1.75
C THR B 9 13.95 -8.03 0.78
N PHE B 10 12.72 -7.84 1.27
CA PHE B 10 11.49 -7.94 0.44
C PHE B 10 11.60 -6.93 -0.70
N LEU B 11 11.91 -5.68 -0.36
CA LEU B 11 11.98 -4.54 -1.31
C LEU B 11 13.06 -4.83 -2.37
N ASP B 12 14.23 -5.35 -1.95
CA ASP B 12 15.33 -5.73 -2.88
C ASP B 12 14.83 -6.81 -3.84
N GLY B 13 14.17 -7.83 -3.31
CA GLY B 13 13.56 -8.91 -4.12
C GLY B 13 12.53 -8.36 -5.10
N LEU B 14 11.69 -7.45 -4.62
CA LEU B 14 10.54 -6.88 -5.36
C LEU B 14 11.09 -6.17 -6.59
N ALA B 15 12.20 -5.44 -6.43
CA ALA B 15 12.82 -4.54 -7.43
C ALA B 15 13.58 -5.34 -8.49
N SER B 16 14.19 -6.48 -8.11
CA SER B 16 15.04 -7.35 -8.98
C SER B 16 14.23 -7.88 -10.16
N SER B 17 14.90 -8.56 -11.10
CA SER B 17 14.28 -9.22 -12.29
C SER B 17 13.72 -10.62 -11.93
N ALA B 18 13.82 -11.07 -10.68
CA ALA B 18 13.11 -12.29 -10.21
C ALA B 18 11.60 -12.06 -10.36
N PRO B 19 10.83 -13.01 -10.94
CA PRO B 19 9.39 -12.83 -11.15
C PRO B 19 8.62 -12.71 -9.82
N THR B 20 9.19 -13.23 -8.72
CA THR B 20 8.74 -12.97 -7.33
C THR B 20 9.90 -12.37 -6.53
N PRO B 21 9.62 -11.64 -5.44
CA PRO B 21 8.27 -11.13 -5.15
C PRO B 21 7.75 -10.20 -6.26
N GLY B 22 6.43 -10.19 -6.50
CA GLY B 22 5.79 -9.40 -7.56
C GLY B 22 4.67 -8.50 -7.05
N GLY B 23 3.87 -7.97 -7.98
CA GLY B 23 2.68 -7.16 -7.67
C GLY B 23 1.79 -7.83 -6.62
N GLY B 24 1.54 -9.14 -6.72
CA GLY B 24 0.64 -9.87 -5.82
C GLY B 24 1.16 -9.94 -4.40
N GLY B 25 2.49 -10.06 -4.20
CA GLY B 25 3.10 -10.01 -2.87
C GLY B 25 2.84 -8.67 -2.19
N ALA B 26 3.09 -7.59 -2.92
CA ALA B 26 2.88 -6.18 -2.50
C ALA B 26 1.41 -5.99 -2.11
N ALA B 27 0.50 -6.54 -2.92
CA ALA B 27 -0.96 -6.44 -2.69
C ALA B 27 -1.28 -7.01 -1.31
N ALA B 28 -0.72 -8.17 -0.98
CA ALA B 28 -0.96 -8.80 0.34
C ALA B 28 -0.47 -7.87 1.47
N ILE B 29 0.69 -7.24 1.31
CA ILE B 29 1.32 -6.35 2.34
C ILE B 29 0.42 -5.11 2.52
N SER B 30 -0.07 -4.52 1.41
CA SER B 30 -1.04 -3.40 1.41
C SER B 30 -2.28 -3.78 2.23
N GLY B 31 -2.90 -4.90 1.92
CA GLY B 31 -4.02 -5.46 2.70
C GLY B 31 -3.64 -5.67 4.16
N ALA B 32 -2.46 -6.24 4.44
CA ALA B 32 -2.04 -6.54 5.84
C ALA B 32 -1.88 -5.22 6.62
N MET B 33 -1.21 -4.23 6.06
CA MET B 33 -1.04 -2.92 6.76
C MET B 33 -2.41 -2.28 7.03
N GLY B 34 -3.37 -2.44 6.12
CA GLY B 34 -4.75 -1.94 6.31
C GLY B 34 -5.42 -2.52 7.54
N ALA B 35 -5.41 -3.85 7.66
CA ALA B 35 -5.91 -4.62 8.83
C ALA B 35 -5.19 -4.22 10.12
N ALA B 36 -3.86 -4.06 10.10
CA ALA B 36 -3.03 -3.65 11.26
C ALA B 36 -3.50 -2.30 11.79
N LEU B 37 -3.75 -1.32 10.91
CA LEU B 37 -4.10 0.07 11.32
C LEU B 37 -5.53 0.14 11.88
N VAL B 38 -6.42 -0.71 11.40
CA VAL B 38 -7.76 -0.93 11.99
C VAL B 38 -7.60 -1.45 13.42
N SER B 39 -6.76 -2.48 13.61
CA SER B 39 -6.45 -2.99 14.97
C SER B 39 -5.90 -1.86 15.85
N MET B 40 -4.96 -1.07 15.31
CA MET B 40 -4.29 0.02 16.08
C MET B 40 -5.36 0.99 16.58
N VAL B 41 -6.27 1.44 15.71
CA VAL B 41 -7.33 2.42 16.08
C VAL B 41 -8.17 1.80 17.20
N CYS B 42 -8.56 0.53 17.03
CA CYS B 42 -9.28 -0.26 18.08
C CYS B 42 -8.47 -0.27 19.38
N ASN B 43 -7.16 -0.51 19.32
CA ASN B 43 -6.32 -0.65 20.55
C ASN B 43 -6.22 0.69 21.28
N LEU B 44 -6.32 1.80 20.55
CA LEU B 44 -6.18 3.17 21.11
C LEU B 44 -7.55 3.79 21.36
N THR B 45 -8.63 3.01 21.24
CA THR B 45 -10.00 3.49 21.53
C THR B 45 -10.56 2.68 22.69
N ILE B 46 -10.26 1.38 22.73
CA ILE B 46 -10.70 0.43 23.78
C ILE B 46 -10.03 0.81 25.10
N GLY B 47 -10.81 0.87 26.18
CA GLY B 47 -10.35 1.23 27.54
C GLY B 47 -10.31 2.73 27.75
N LYS B 48 -10.98 3.50 26.89
CA LYS B 48 -11.05 4.99 27.00
C LYS B 48 -12.43 5.36 27.56
N LYS B 49 -12.44 6.09 28.67
CA LYS B 49 -13.65 6.55 29.41
C LYS B 49 -14.64 7.18 28.41
N LYS B 50 -14.15 7.97 27.45
CA LYS B 50 -15.00 8.82 26.57
C LYS B 50 -15.68 7.99 25.46
N TYR B 51 -15.26 6.74 25.19
CA TYR B 51 -15.70 5.96 24.01
C TYR B 51 -16.37 4.63 24.42
N VAL B 52 -17.19 4.61 25.48
CA VAL B 52 -17.76 3.34 26.03
C VAL B 52 -18.95 2.87 25.18
N GLU B 53 -19.79 3.75 24.64
CA GLU B 53 -20.95 3.32 23.81
C GLU B 53 -20.45 2.42 22.67
N VAL B 54 -19.20 2.61 22.21
CA VAL B 54 -18.63 1.94 21.00
C VAL B 54 -17.67 0.82 21.41
N GLU B 55 -17.24 0.76 22.68
CA GLU B 55 -16.19 -0.20 23.15
C GLU B 55 -16.59 -1.63 22.78
N ALA B 56 -17.90 -1.92 22.80
CA ALA B 56 -18.50 -3.24 22.52
C ALA B 56 -18.25 -3.63 21.06
N ASP B 57 -18.76 -2.81 20.13
CA ASP B 57 -18.60 -2.96 18.66
C ASP B 57 -17.10 -3.04 18.29
N LEU B 58 -16.22 -2.27 18.95
CA LEU B 58 -14.80 -2.12 18.56
C LEU B 58 -13.97 -3.30 19.07
N LYS B 59 -14.49 -4.07 20.03
CA LYS B 59 -13.87 -5.36 20.44
C LYS B 59 -14.19 -6.40 19.36
N GLN B 60 -15.36 -6.34 18.74
CA GLN B 60 -15.72 -7.28 17.64
C GLN B 60 -14.91 -6.92 16.39
N VAL B 61 -14.65 -5.63 16.15
CA VAL B 61 -13.80 -5.19 15.01
C VAL B 61 -12.37 -5.69 15.24
N LEU B 62 -11.80 -5.44 16.42
CA LEU B 62 -10.43 -5.91 16.74
C LEU B 62 -10.30 -7.41 16.42
N GLU B 63 -11.25 -8.22 16.87
CA GLU B 63 -11.22 -9.70 16.72
C GLU B 63 -11.13 -10.01 15.22
N LYS B 64 -12.01 -9.39 14.42
CA LYS B 64 -12.06 -9.58 12.94
C LYS B 64 -10.75 -9.07 12.33
N SER B 65 -10.35 -7.82 12.61
CA SER B 65 -9.16 -7.19 11.96
C SER B 65 -7.90 -7.99 12.28
N GLU B 66 -7.72 -8.41 13.53
CA GLU B 66 -6.55 -9.24 13.93
C GLU B 66 -6.57 -10.55 13.13
N GLY B 67 -7.74 -11.10 12.84
CA GLY B 67 -7.91 -12.32 12.00
C GLY B 67 -7.48 -12.08 10.55
N LEU B 68 -8.02 -11.03 9.94
CA LEU B 68 -7.72 -10.64 8.54
C LEU B 68 -6.23 -10.33 8.40
N ARG B 69 -5.63 -9.67 9.40
CA ARG B 69 -4.18 -9.38 9.43
C ARG B 69 -3.37 -10.68 9.24
N ARG B 70 -3.68 -11.70 10.04
CA ARG B 70 -2.98 -13.01 10.06
C ARG B 70 -3.08 -13.64 8.66
N THR B 71 -4.27 -13.70 8.08
CA THR B 71 -4.56 -14.31 6.75
C THR B 71 -3.76 -13.58 5.66
N LEU B 72 -3.77 -12.25 5.68
CA LEU B 72 -3.12 -11.47 4.60
C LEU B 72 -1.60 -11.58 4.74
N THR B 73 -1.07 -11.68 5.97
CA THR B 73 0.39 -11.92 6.17
C THR B 73 0.76 -13.29 5.57
N GLY B 74 -0.06 -14.32 5.73
CA GLY B 74 0.21 -15.63 5.12
C GLY B 74 0.13 -15.55 3.61
N MET B 75 -0.74 -14.68 3.08
CA MET B 75 -0.98 -14.58 1.62
C MET B 75 0.25 -14.02 0.91
N ILE B 76 1.19 -13.37 1.60
CA ILE B 76 2.45 -12.86 0.97
C ILE B 76 3.20 -14.06 0.35
N ALA B 77 3.36 -15.12 1.13
CA ALA B 77 4.08 -16.35 0.71
C ALA B 77 3.20 -17.13 -0.27
N ASP B 78 1.88 -17.16 -0.04
CA ASP B 78 0.94 -17.90 -0.93
C ASP B 78 1.07 -17.33 -2.34
N ASP B 79 1.18 -16.01 -2.46
CA ASP B 79 1.19 -15.36 -3.80
C ASP B 79 2.55 -15.64 -4.47
N VAL B 80 3.65 -15.50 -3.72
CA VAL B 80 5.03 -15.88 -4.15
C VAL B 80 5.01 -17.32 -4.68
N GLU B 81 4.44 -18.25 -3.93
CA GLU B 81 4.35 -19.68 -4.29
C GLU B 81 3.51 -19.82 -5.56
N ALA B 82 2.32 -19.24 -5.61
CA ALA B 82 1.39 -19.40 -6.75
C ALA B 82 2.07 -18.95 -8.04
N PHE B 83 2.76 -17.81 -8.03
CA PHE B 83 3.34 -17.24 -9.27
C PHE B 83 4.63 -17.96 -9.67
N ASP B 84 5.46 -18.36 -8.69
CA ASP B 84 6.66 -19.21 -8.94
C ASP B 84 6.21 -20.48 -9.66
N ALA B 85 5.10 -21.06 -9.21
CA ALA B 85 4.48 -22.27 -9.82
C ALA B 85 4.08 -22.00 -11.28
N VAL B 86 3.56 -20.80 -11.60
CA VAL B 86 3.21 -20.45 -13.02
C VAL B 86 4.49 -20.45 -13.87
N MET B 87 5.48 -19.64 -13.46
CA MET B 87 6.82 -19.52 -14.10
C MET B 87 7.47 -20.91 -14.21
N GLY B 88 7.56 -21.67 -13.11
CA GLY B 88 8.03 -23.06 -13.11
C GLY B 88 7.28 -23.94 -14.11
N ALA B 89 5.95 -23.83 -14.22
CA ALA B 89 5.16 -24.68 -15.14
C ALA B 89 5.52 -24.37 -16.61
N TYR B 90 5.67 -23.09 -17.00
CA TYR B 90 6.07 -22.73 -18.39
C TYR B 90 7.46 -23.27 -18.73
N GLY B 91 8.32 -23.43 -17.71
CA GLY B 91 9.70 -23.88 -17.89
C GLY B 91 9.90 -25.39 -17.81
N LEU B 92 8.85 -26.20 -17.64
CA LEU B 92 8.96 -27.69 -17.55
C LEU B 92 9.39 -28.23 -18.91
N PRO B 93 10.09 -29.37 -18.98
CA PRO B 93 10.55 -29.91 -20.25
C PRO B 93 9.43 -30.48 -21.12
N LYS B 94 9.70 -30.62 -22.42
CA LYS B 94 8.75 -31.16 -23.42
C LYS B 94 9.43 -32.30 -24.19
N ASN B 95 10.13 -33.20 -23.50
CA ASN B 95 11.04 -34.19 -24.14
C ASN B 95 10.27 -35.45 -24.55
N THR B 96 9.19 -35.80 -23.86
CA THR B 96 8.28 -36.92 -24.17
C THR B 96 6.86 -36.37 -24.34
N ASP B 97 5.95 -37.21 -24.82
CA ASP B 97 4.50 -36.89 -24.96
C ASP B 97 3.88 -36.77 -23.55
N GLU B 98 4.29 -37.62 -22.60
CA GLU B 98 3.81 -37.58 -21.18
C GLU B 98 4.27 -36.25 -20.53
N GLU B 99 5.51 -35.82 -20.78
CA GLU B 99 6.04 -34.52 -20.26
C GLU B 99 5.20 -33.36 -20.82
N LYS B 100 4.92 -33.32 -22.14
CA LYS B 100 4.14 -32.24 -22.82
C LYS B 100 2.76 -32.13 -22.19
N ALA B 101 2.07 -33.27 -22.04
CA ALA B 101 0.74 -33.35 -21.40
C ALA B 101 0.83 -32.88 -19.94
N ALA B 102 1.85 -33.31 -19.18
CA ALA B 102 2.01 -32.93 -17.75
C ALA B 102 2.24 -31.42 -17.67
N ARG B 103 3.09 -30.87 -18.53
CA ARG B 103 3.42 -29.43 -18.57
C ARG B 103 2.14 -28.62 -18.86
N ALA B 104 1.36 -29.01 -19.86
CA ALA B 104 0.12 -28.26 -20.21
C ALA B 104 -0.88 -28.32 -19.04
N ALA B 105 -0.98 -29.46 -18.35
CA ALA B 105 -1.87 -29.64 -17.17
C ALA B 105 -1.41 -28.72 -16.05
N LYS B 106 -0.09 -28.68 -15.80
CA LYS B 106 0.51 -27.95 -14.68
C LYS B 106 0.40 -26.44 -14.94
N ILE B 107 0.51 -26.00 -16.20
CA ILE B 107 0.26 -24.58 -16.57
C ILE B 107 -1.17 -24.19 -16.20
N GLN B 108 -2.18 -25.01 -16.52
CA GLN B 108 -3.59 -24.63 -16.25
C GLN B 108 -3.84 -24.65 -14.75
N GLU B 109 -3.36 -25.69 -14.06
CA GLU B 109 -3.48 -25.79 -12.58
C GLU B 109 -2.85 -24.55 -11.95
N ALA B 110 -1.62 -24.19 -12.32
CA ALA B 110 -0.93 -23.04 -11.74
C ALA B 110 -1.71 -21.76 -12.07
N LEU B 111 -2.23 -21.59 -13.30
CA LEU B 111 -3.04 -20.38 -13.63
C LEU B 111 -4.28 -20.31 -12.72
N LYS B 112 -4.98 -21.44 -12.54
CA LYS B 112 -6.15 -21.56 -11.63
C LYS B 112 -5.81 -21.11 -10.20
N THR B 113 -4.79 -21.72 -9.58
CA THR B 113 -4.35 -21.36 -8.20
C THR B 113 -3.88 -19.90 -8.17
N ALA B 114 -3.18 -19.42 -9.20
CA ALA B 114 -2.68 -18.02 -9.25
C ALA B 114 -3.80 -17.01 -9.62
N THR B 115 -5.03 -17.48 -9.92
CA THR B 115 -6.27 -16.67 -10.00
C THR B 115 -6.97 -16.66 -8.64
N ASP B 116 -7.09 -17.82 -7.96
CA ASP B 116 -7.81 -17.92 -6.67
C ASP B 116 -7.03 -17.23 -5.54
N VAL B 117 -5.69 -17.31 -5.56
CA VAL B 117 -4.90 -16.71 -4.44
C VAL B 117 -5.14 -15.21 -4.42
N PRO B 118 -4.87 -14.46 -5.51
CA PRO B 118 -5.19 -13.04 -5.54
C PRO B 118 -6.69 -12.69 -5.37
N LEU B 119 -7.59 -13.52 -5.89
CA LEU B 119 -9.03 -13.29 -5.63
C LEU B 119 -9.35 -13.38 -4.13
N ALA B 120 -8.73 -14.30 -3.41
CA ALA B 120 -8.87 -14.41 -1.93
C ALA B 120 -8.37 -13.13 -1.27
N CYS B 121 -7.24 -12.59 -1.73
CA CYS B 121 -6.64 -11.35 -1.18
C CYS B 121 -7.63 -10.19 -1.43
N CYS B 122 -8.28 -10.14 -2.59
CA CYS B 122 -9.36 -9.15 -2.87
C CYS B 122 -10.52 -9.28 -1.89
N ARG B 123 -11.03 -10.49 -1.63
CA ARG B 123 -12.14 -10.71 -0.66
C ARG B 123 -11.74 -10.17 0.72
N VAL B 124 -10.54 -10.51 1.19
CA VAL B 124 -10.10 -10.10 2.54
C VAL B 124 -9.94 -8.57 2.59
N CYS B 125 -9.34 -7.95 1.56
CA CYS B 125 -9.16 -6.48 1.47
C CYS B 125 -10.54 -5.78 1.49
N ARG B 126 -11.54 -6.37 0.82
CA ARG B 126 -12.93 -5.84 0.79
C ARG B 126 -13.53 -5.84 2.21
N GLU B 127 -13.26 -6.87 3.02
CA GLU B 127 -13.68 -6.91 4.45
C GLU B 127 -12.87 -5.89 5.26
N VAL B 128 -11.55 -5.73 5.05
CA VAL B 128 -10.76 -4.67 5.76
C VAL B 128 -11.40 -3.30 5.48
N ILE B 129 -11.87 -3.03 4.27
CA ILE B 129 -12.54 -1.73 3.98
C ILE B 129 -13.79 -1.56 4.85
N ASP B 130 -14.66 -2.58 4.98
CA ASP B 130 -15.83 -2.52 5.90
C ASP B 130 -15.35 -2.24 7.33
N LEU B 131 -14.31 -2.92 7.83
CA LEU B 131 -13.82 -2.65 9.21
C LEU B 131 -13.29 -1.20 9.33
N ALA B 132 -12.64 -0.65 8.30
CA ALA B 132 -12.01 0.69 8.31
C ALA B 132 -13.12 1.75 8.38
N GLU B 133 -14.23 1.50 7.70
CA GLU B 133 -15.45 2.35 7.74
C GLU B 133 -15.94 2.49 9.19
N ILE B 134 -15.99 1.37 9.92
CA ILE B 134 -16.49 1.34 11.32
C ILE B 134 -15.53 2.14 12.23
N VAL B 135 -14.22 1.97 12.10
CA VAL B 135 -13.25 2.76 12.92
C VAL B 135 -13.22 4.23 12.45
N ALA B 136 -13.49 4.56 11.20
CA ALA B 136 -13.64 5.98 10.78
C ALA B 136 -14.80 6.61 11.55
N GLU B 137 -15.93 5.91 11.71
CA GLU B 137 -17.15 6.48 12.36
C GLU B 137 -16.93 6.54 13.89
N LYS B 138 -16.38 5.50 14.51
CA LYS B 138 -16.47 5.30 15.98
C LYS B 138 -15.13 5.38 16.71
N GLY B 139 -14.00 5.49 16.01
CA GLY B 139 -12.67 5.39 16.64
C GLY B 139 -12.26 6.68 17.33
N ASN B 140 -11.21 6.60 18.14
CA ASN B 140 -10.59 7.73 18.87
C ASN B 140 -10.21 8.84 17.87
N LEU B 141 -10.74 10.06 18.06
CA LEU B 141 -10.56 11.21 17.14
C LEU B 141 -9.07 11.59 17.08
N ASN B 142 -8.33 11.35 18.16
CA ASN B 142 -6.85 11.57 18.19
C ASN B 142 -6.10 10.68 17.18
N VAL B 143 -6.61 9.50 16.81
CA VAL B 143 -5.85 8.62 15.88
C VAL B 143 -6.68 8.31 14.64
N ILE B 144 -7.69 9.14 14.33
CA ILE B 144 -8.61 8.90 13.18
C ILE B 144 -7.82 8.85 11.85
N SER B 145 -6.70 9.55 11.73
CA SER B 145 -5.89 9.54 10.48
C SER B 145 -5.57 8.08 10.09
N ASP B 146 -5.26 7.21 11.06
CA ASP B 146 -4.88 5.79 10.82
C ASP B 146 -6.04 4.99 10.20
N ALA B 147 -7.29 5.32 10.49
CA ALA B 147 -8.47 4.75 9.77
C ALA B 147 -8.40 5.14 8.28
N GLY B 148 -7.95 6.36 7.99
CA GLY B 148 -7.76 6.81 6.60
C GLY B 148 -6.72 5.95 5.90
N VAL B 149 -5.54 5.83 6.50
CA VAL B 149 -4.41 5.05 5.90
C VAL B 149 -4.91 3.62 5.69
N ALA B 150 -5.62 3.05 6.67
CA ALA B 150 -6.14 1.66 6.59
C ALA B 150 -6.97 1.46 5.33
N VAL B 151 -7.93 2.34 5.06
CA VAL B 151 -8.81 2.20 3.87
C VAL B 151 -7.98 2.36 2.59
N LEU B 152 -7.01 3.28 2.54
CA LEU B 152 -6.29 3.54 1.26
C LEU B 152 -5.43 2.31 0.97
N SER B 153 -4.83 1.79 2.03
CA SER B 153 -3.89 0.66 1.96
C SER B 153 -4.70 -0.59 1.53
N ALA B 154 -5.90 -0.80 2.11
CA ALA B 154 -6.76 -1.95 1.75
C ALA B 154 -7.27 -1.80 0.31
N TYR B 155 -7.69 -0.61 -0.10
CA TYR B 155 -8.18 -0.36 -1.48
C TYR B 155 -7.04 -0.65 -2.46
N ALA B 156 -5.84 -0.14 -2.20
CA ALA B 156 -4.66 -0.40 -3.05
C ALA B 156 -4.45 -1.90 -3.19
N GLY B 157 -4.55 -2.65 -2.10
CA GLY B 157 -4.33 -4.11 -2.11
C GLY B 157 -5.38 -4.84 -2.94
N LEU B 158 -6.64 -4.47 -2.75
CA LEU B 158 -7.76 -5.02 -3.53
C LEU B 158 -7.51 -4.85 -5.03
N ARG B 159 -7.18 -3.64 -5.46
CA ARG B 159 -7.04 -3.38 -6.92
C ARG B 159 -5.73 -3.96 -7.47
N SER B 160 -4.68 -4.01 -6.66
CA SER B 160 -3.41 -4.67 -7.04
C SER B 160 -3.69 -6.15 -7.28
N ALA B 161 -4.30 -6.87 -6.32
CA ALA B 161 -4.66 -8.29 -6.48
C ALA B 161 -5.62 -8.45 -7.69
N ALA B 162 -6.52 -7.50 -7.90
CA ALA B 162 -7.49 -7.57 -9.02
C ALA B 162 -6.77 -7.69 -10.36
N LEU B 163 -5.68 -6.94 -10.56
CA LEU B 163 -4.94 -6.93 -11.86
C LEU B 163 -4.34 -8.32 -12.12
N ASN B 164 -3.81 -8.94 -11.06
CA ASN B 164 -3.29 -10.34 -11.09
C ASN B 164 -4.43 -11.32 -11.38
N VAL B 165 -5.63 -11.10 -10.84
CA VAL B 165 -6.80 -11.93 -11.23
C VAL B 165 -6.96 -11.79 -12.73
N TYR B 166 -6.98 -10.57 -13.25
CA TYR B 166 -7.22 -10.39 -14.70
C TYR B 166 -6.10 -11.09 -15.47
N VAL B 167 -4.84 -10.94 -15.04
CA VAL B 167 -3.69 -11.45 -15.84
C VAL B 167 -3.79 -12.97 -15.95
N ASN B 168 -4.05 -13.66 -14.85
CA ASN B 168 -4.04 -15.14 -14.84
C ASN B 168 -5.35 -15.68 -15.47
N ALA B 169 -6.51 -15.08 -15.19
CA ALA B 169 -7.81 -15.58 -15.70
C ALA B 169 -7.77 -15.64 -17.23
N LYS B 170 -6.97 -14.80 -17.89
CA LYS B 170 -6.95 -14.69 -19.38
C LYS B 170 -6.30 -15.94 -20.01
N GLY B 171 -5.42 -16.65 -19.31
CA GLY B 171 -4.78 -17.86 -19.86
C GLY B 171 -5.59 -19.15 -19.65
N LEU B 172 -6.72 -19.11 -18.96
CA LEU B 172 -7.42 -20.35 -18.57
C LEU B 172 -8.26 -20.89 -19.73
N ASP B 173 -8.15 -22.20 -19.98
CA ASP B 173 -9.02 -23.01 -20.89
C ASP B 173 -10.45 -23.04 -20.32
N ASP B 174 -10.58 -23.24 -19.02
CA ASP B 174 -11.88 -23.33 -18.32
C ASP B 174 -12.48 -21.92 -18.20
N ARG B 175 -13.37 -21.58 -19.12
CA ARG B 175 -14.07 -20.27 -19.16
C ARG B 175 -15.16 -20.15 -18.08
N ALA B 176 -15.85 -21.23 -17.70
CA ALA B 176 -16.78 -21.19 -16.55
C ALA B 176 -16.01 -20.71 -15.31
N PHE B 177 -14.89 -21.36 -14.99
CA PHE B 177 -14.03 -20.96 -13.86
C PHE B 177 -13.61 -19.48 -14.00
N ALA B 178 -13.02 -19.10 -15.13
CA ALA B 178 -12.58 -17.71 -15.37
C ALA B 178 -13.75 -16.74 -15.13
N GLU B 179 -14.92 -17.00 -15.73
CA GLU B 179 -16.02 -15.99 -15.78
C GLU B 179 -16.67 -15.88 -14.39
N GLU B 180 -16.78 -16.96 -13.62
CA GLU B 180 -17.33 -16.84 -12.24
C GLU B 180 -16.39 -15.98 -11.38
N ARG B 181 -15.08 -16.22 -11.48
CA ARG B 181 -14.07 -15.46 -10.70
C ARG B 181 -14.12 -14.00 -11.15
N LEU B 182 -14.24 -13.75 -12.46
CA LEU B 182 -14.23 -12.35 -12.97
C LEU B 182 -15.50 -11.63 -12.51
N LYS B 183 -16.66 -12.29 -12.55
CA LYS B 183 -17.98 -11.76 -12.07
C LYS B 183 -17.86 -11.40 -10.59
N GLU B 184 -17.33 -12.30 -9.78
CA GLU B 184 -17.13 -12.00 -8.34
C GLU B 184 -16.15 -10.82 -8.17
N LEU B 185 -15.02 -10.79 -8.87
CA LEU B 185 -14.06 -9.65 -8.79
C LEU B 185 -14.73 -8.30 -9.10
N GLU B 186 -15.58 -8.26 -10.13
CA GLU B 186 -16.22 -6.99 -10.59
C GLU B 186 -17.12 -6.44 -9.47
N GLY B 187 -17.83 -7.31 -8.75
CA GLY B 187 -18.62 -6.94 -7.57
C GLY B 187 -17.76 -6.33 -6.48
N LEU B 188 -16.66 -6.99 -6.12
CA LEU B 188 -15.76 -6.46 -5.02
C LEU B 188 -15.24 -5.08 -5.42
N LEU B 189 -14.84 -4.90 -6.69
CA LEU B 189 -14.22 -3.66 -7.22
C LEU B 189 -15.23 -2.50 -7.22
N ALA B 190 -16.45 -2.73 -7.73
CA ALA B 190 -17.49 -1.68 -7.82
C ALA B 190 -17.90 -1.23 -6.42
N GLU B 191 -18.06 -2.16 -5.47
CA GLU B 191 -18.38 -1.84 -4.05
C GLU B 191 -17.24 -1.03 -3.42
N ALA B 192 -16.00 -1.53 -3.50
CA ALA B 192 -14.83 -0.89 -2.84
C ALA B 192 -14.60 0.49 -3.46
N GLY B 193 -14.73 0.64 -4.77
CA GLY B 193 -14.59 1.96 -5.40
C GLY B 193 -15.52 2.99 -4.74
N ALA B 194 -16.80 2.63 -4.58
CA ALA B 194 -17.85 3.50 -3.97
C ALA B 194 -17.45 3.87 -2.53
N LEU B 195 -16.92 2.93 -1.76
CA LEU B 195 -16.74 3.10 -0.30
C LEU B 195 -15.42 3.83 0.02
N ASN B 196 -14.37 3.53 -0.75
CA ASN B 196 -13.00 4.04 -0.47
C ASN B 196 -13.04 5.57 -0.35
N GLU B 197 -13.58 6.25 -1.36
CA GLU B 197 -13.57 7.72 -1.47
C GLU B 197 -14.36 8.33 -0.30
N ARG B 198 -15.45 7.71 0.12
CA ARG B 198 -16.37 8.21 1.17
C ARG B 198 -15.73 8.03 2.56
N ILE B 199 -15.07 6.89 2.81
CA ILE B 199 -14.34 6.67 4.09
C ILE B 199 -13.14 7.64 4.12
N TYR B 200 -12.32 7.70 3.07
CA TYR B 200 -11.24 8.71 2.96
C TYR B 200 -11.79 10.09 3.32
N GLU B 201 -12.93 10.49 2.75
CA GLU B 201 -13.48 11.86 2.90
C GLU B 201 -13.95 12.06 4.33
N THR B 202 -14.64 11.09 4.93
CA THR B 202 -15.01 11.14 6.38
C THR B 202 -13.74 11.42 7.20
N VAL B 203 -12.69 10.61 7.05
CA VAL B 203 -11.44 10.76 7.84
C VAL B 203 -10.84 12.15 7.59
N LYS B 204 -10.77 12.57 6.32
CA LYS B 204 -10.15 13.86 5.92
C LYS B 204 -10.89 14.99 6.64
N SER B 205 -12.22 14.93 6.65
CA SER B 205 -13.07 16.01 7.19
C SER B 205 -12.92 16.04 8.71
N LYS B 206 -12.86 14.87 9.36
CA LYS B 206 -12.64 14.77 10.82
C LYS B 206 -11.21 15.16 11.20
N VAL B 207 -10.27 15.24 10.26
CA VAL B 207 -8.88 15.67 10.57
C VAL B 207 -8.86 17.19 10.80
N ASN B 208 -9.55 17.98 9.97
CA ASN B 208 -9.60 19.47 10.08
C ASN B 208 -11.05 19.96 9.89
#